data_4D0K
#
_entry.id   4D0K
#
_cell.length_a   72.414
_cell.length_b   93.568
_cell.length_c   110.676
_cell.angle_alpha   90.00
_cell.angle_beta   90.00
_cell.angle_gamma   90.00
#
_symmetry.space_group_name_H-M   'P 21 21 21'
#
loop_
_entity.id
_entity.type
_entity.pdbx_description
1 polymer 'A-SPECIFIC RIBONUCLEASE SUBUNIT PAN2'
2 polymer 'PAB-DEPENDENT POLY(A)-SPECIFIC RIBONUCLEASE SUBUNIT PAN3-LIKE PROTEIN'
3 water water
#
loop_
_entity_poly.entity_id
_entity_poly.type
_entity_poly.pdbx_seq_one_letter_code
_entity_poly.pdbx_strand_id
1 'polypeptide(L)'
;GPHMDADWDEVTRIAYPAPGTNDFPRPATAVAFDPIAELLWAGFDRGRVCSFYGRDLTRYTAFKIQPASEGPVRQFLFHD
KGVIVLGTRSVHMAMRRGPALWNIRHENMKDLRCMSFTSKGTQEIIVAGWQDTMLVIDVLKGDIIKQIPAQHHYSIMKKS
RYICAATKTGSVDLIDPLSFKIVRSWQAHASYINDMDAQNDFIVTCGGSLKQQAAQTYMLDPYVNVFDLKNMASMKPMPF
PPLAAHVRLHPRMLTTAIVTSQHGQMHVVDIMNPNSSTVRYANISSYVKLFEIAPSGEALVIGDADCNIHLWGSPTKIHF
TDMAIPIELPEPEEPAPVLDWSIETPLSSIGLPYYREPLFSAWPADIISDVGAPPLQLEPSFVATLKQAEWGLYGKNTRN
VRRNQVEDTRNTNKQSNALQAPKFLSERARESALSSGGDSSSDPQVDQEPEDPNEIESLK
;
A
2 'polypeptide(L)'
;MGSSHHHHHHSSGTGSGENLYFQGHMLEVENGRIARSLMKLLTILERGDYDGVPSWSETGDRYQLKLFRDYVFHRVDADG
KPNLSIGHMLTCMSKLEAGVDENILLTSRDNETVFVLSYRELRQMYDRAFNELVK
;
B,C
#
# COMPACT_ATOMS: atom_id res chain seq x y z
N MET A 4 10.25 34.31 1.39
CA MET A 4 11.44 33.51 1.68
C MET A 4 12.41 33.52 0.51
N ASP A 5 12.85 32.33 0.09
CA ASP A 5 13.82 32.20 -0.99
C ASP A 5 13.30 32.71 -2.34
N ALA A 6 14.19 32.76 -3.32
CA ALA A 6 13.86 33.38 -4.60
C ALA A 6 14.04 32.44 -5.78
N ASP A 7 14.92 31.46 -5.65
CA ASP A 7 15.22 30.57 -6.78
C ASP A 7 14.27 29.37 -6.84
N TRP A 8 13.28 29.33 -5.96
CA TRP A 8 12.29 28.26 -5.97
C TRP A 8 11.48 28.25 -7.26
N ASP A 9 11.19 27.05 -7.74
CA ASP A 9 10.46 26.89 -8.99
C ASP A 9 9.79 25.52 -9.03
N GLU A 10 8.96 25.30 -10.03
CA GLU A 10 8.41 23.96 -10.27
C GLU A 10 9.53 23.06 -10.77
N VAL A 11 9.91 22.08 -9.95
CA VAL A 11 10.99 21.18 -10.29
C VAL A 11 10.49 20.00 -11.11
N THR A 12 9.32 19.50 -10.73
CA THR A 12 8.76 18.31 -11.35
C THR A 12 7.24 18.42 -11.46
N ARG A 13 6.69 18.01 -12.59
CA ARG A 13 5.26 17.84 -12.70
C ARG A 13 4.95 16.46 -13.24
N ILE A 14 4.10 15.73 -12.53
CA ILE A 14 3.61 14.47 -13.01
C ILE A 14 2.10 14.50 -13.04
N ALA A 15 1.52 13.64 -13.86
CA ALA A 15 0.08 13.48 -13.87
C ALA A 15 -0.23 12.06 -13.43
N TYR A 16 -0.86 11.94 -12.27
CA TYR A 16 -1.25 10.64 -11.78
C TYR A 16 -2.65 10.76 -11.17
N PRO A 17 -3.57 9.88 -11.58
CA PRO A 17 -3.41 8.82 -12.59
C PRO A 17 -3.08 9.36 -13.98
N ALA A 18 -2.39 8.56 -14.78
CA ALA A 18 -1.98 8.96 -16.12
C ALA A 18 -3.19 9.22 -17.01
N PRO A 19 -3.11 10.27 -17.83
CA PRO A 19 -4.18 10.62 -18.78
C PRO A 19 -4.53 9.46 -19.69
N GLY A 20 -5.83 9.21 -19.86
CA GLY A 20 -6.30 8.10 -20.66
C GLY A 20 -6.59 6.88 -19.82
N THR A 21 -6.87 7.10 -18.53
CA THR A 21 -7.15 6.05 -17.57
C THR A 21 -6.02 5.02 -17.51
N PHE A 24 -10.75 7.92 -14.13
CA PHE A 24 -9.69 8.36 -15.03
C PHE A 24 -9.26 9.81 -14.76
N PRO A 25 -10.22 10.75 -14.66
CA PRO A 25 -9.78 12.10 -14.27
C PRO A 25 -9.94 12.35 -12.77
N ARG A 26 -9.66 11.33 -11.96
CA ARG A 26 -9.88 11.41 -10.52
C ARG A 26 -8.56 11.64 -9.78
N PRO A 27 -8.36 12.87 -9.27
CA PRO A 27 -7.13 13.26 -8.58
C PRO A 27 -6.93 12.51 -7.28
N ALA A 28 -5.71 12.54 -6.76
CA ALA A 28 -5.43 12.02 -5.43
C ALA A 28 -6.39 12.64 -4.41
N THR A 29 -6.84 11.83 -3.45
CA THR A 29 -7.73 12.31 -2.41
C THR A 29 -6.97 12.64 -1.13
N ALA A 30 -5.72 12.20 -1.07
CA ALA A 30 -4.84 12.50 0.06
C ALA A 30 -3.39 12.45 -0.38
N VAL A 31 -2.56 13.33 0.17
CA VAL A 31 -1.12 13.32 -0.12
CA VAL A 31 -1.14 13.36 -0.15
C VAL A 31 -0.35 13.73 1.12
N ALA A 32 0.85 13.18 1.27
CA ALA A 32 1.70 13.53 2.40
C ALA A 32 3.15 13.17 2.12
N PHE A 33 4.05 14.05 2.55
CA PHE A 33 5.47 13.74 2.52
C PHE A 33 5.82 12.87 3.71
N ASP A 34 6.57 11.81 3.44
CA ASP A 34 7.12 10.92 4.47
C ASP A 34 8.22 11.63 5.25
N PRO A 35 8.16 11.63 6.59
CA PRO A 35 9.22 12.28 7.37
C PRO A 35 10.51 11.46 7.48
N ILE A 36 10.43 10.18 7.14
CA ILE A 36 11.54 9.24 7.37
C ILE A 36 12.21 8.78 6.07
N ALA A 37 11.44 8.72 4.98
CA ALA A 37 11.98 8.32 3.67
C ALA A 37 11.71 9.40 2.63
N GLU A 38 12.52 9.46 1.58
CA GLU A 38 12.36 10.46 0.53
C GLU A 38 11.21 10.09 -0.40
N LEU A 39 10.01 9.99 0.19
CA LEU A 39 8.83 9.51 -0.49
C LEU A 39 7.69 10.51 -0.39
N LEU A 40 6.97 10.68 -1.49
CA LEU A 40 5.67 11.34 -1.45
C LEU A 40 4.61 10.27 -1.52
N TRP A 41 3.69 10.26 -0.55
CA TRP A 41 2.60 9.30 -0.54
C TRP A 41 1.31 9.91 -1.06
N ALA A 42 0.61 9.18 -1.93
CA ALA A 42 -0.65 9.64 -2.50
C ALA A 42 -1.73 8.56 -2.34
N GLY A 43 -2.92 8.99 -1.99
CA GLY A 43 -4.06 8.09 -1.87
C GLY A 43 -5.11 8.50 -2.87
N PHE A 44 -5.92 7.55 -3.30
CA PHE A 44 -6.83 7.77 -4.42
C PHE A 44 -8.19 7.16 -4.14
N ASP A 45 -9.13 7.34 -5.06
CA ASP A 45 -10.41 6.66 -4.98
CA ASP A 45 -10.41 6.66 -4.99
C ASP A 45 -10.21 5.15 -5.12
N ARG A 46 -11.18 4.39 -4.64
CA ARG A 46 -11.12 2.92 -4.67
C ARG A 46 -9.97 2.38 -3.85
N GLY A 47 -9.60 3.12 -2.81
CA GLY A 47 -8.69 2.64 -1.79
C GLY A 47 -7.25 2.43 -2.22
N ARG A 48 -6.84 3.07 -3.31
CA ARG A 48 -5.49 2.88 -3.83
C ARG A 48 -4.48 3.85 -3.23
N VAL A 49 -3.30 3.32 -2.91
CA VAL A 49 -2.18 4.10 -2.44
C VAL A 49 -0.96 3.85 -3.33
N CYS A 50 -0.18 4.88 -3.60
CA CYS A 50 1.15 4.63 -4.09
C CYS A 50 2.13 5.70 -3.60
N SER A 51 3.40 5.36 -3.64
CA SER A 51 4.43 6.29 -3.22
C SER A 51 5.27 6.67 -4.41
N PHE A 52 5.90 7.83 -4.32
CA PHE A 52 6.75 8.35 -5.37
C PHE A 52 8.07 8.75 -4.74
N TYR A 53 9.17 8.37 -5.36
CA TYR A 53 10.50 8.60 -4.78
C TYR A 53 11.24 9.78 -5.39
N GLY A 54 11.86 10.58 -4.53
CA GLY A 54 12.81 11.59 -4.94
C GLY A 54 12.24 12.77 -5.73
N ARG A 55 13.13 13.61 -6.24
CA ARG A 55 12.72 14.85 -6.90
C ARG A 55 11.97 14.59 -8.20
N ASP A 56 12.20 13.45 -8.83
CA ASP A 56 11.52 13.13 -10.08
C ASP A 56 10.17 12.43 -9.84
N LEU A 57 9.87 12.15 -8.57
CA LEU A 57 8.61 11.50 -8.19
C LEU A 57 8.38 10.22 -9.00
N THR A 58 9.38 9.34 -8.96
CA THR A 58 9.32 8.04 -9.61
C THR A 58 8.46 7.09 -8.78
N ARG A 59 7.47 6.46 -9.41
CA ARG A 59 6.59 5.54 -8.70
C ARG A 59 7.41 4.44 -8.03
N TYR A 60 7.13 4.20 -6.75
CA TYR A 60 7.92 3.29 -5.94
C TYR A 60 7.13 2.05 -5.55
N THR A 61 6.29 2.17 -4.52
CA THR A 61 5.46 1.05 -4.12
C THR A 61 4.00 1.43 -4.20
N ALA A 62 3.13 0.44 -4.09
CA ALA A 62 1.70 0.65 -4.21
C ALA A 62 0.95 -0.48 -3.54
N PHE A 63 -0.23 -0.17 -3.01
CA PHE A 63 -1.06 -1.18 -2.36
C PHE A 63 -2.46 -0.63 -2.13
N LYS A 64 -3.39 -1.53 -1.81
CA LYS A 64 -4.76 -1.12 -1.50
C LYS A 64 -5.01 -1.23 0.00
N ILE A 65 -5.98 -0.46 0.49
CA ILE A 65 -6.23 -0.40 1.94
C ILE A 65 -7.64 -0.84 2.31
N GLN A 66 -8.49 -0.99 1.30
CA GLN A 66 -9.90 -1.28 1.50
C GLN A 66 -10.49 -1.76 0.18
N PRO A 67 -11.65 -2.45 0.23
CA PRO A 67 -12.32 -2.83 -1.02
C PRO A 67 -12.66 -1.61 -1.88
N ALA A 68 -12.71 -1.78 -3.21
CA ALA A 68 -12.93 -0.67 -4.12
C ALA A 68 -14.21 0.10 -3.83
N SER A 69 -15.22 -0.62 -3.33
CA SER A 69 -16.53 -0.03 -3.08
C SER A 69 -16.56 0.92 -1.89
N GLU A 70 -15.51 0.90 -1.07
CA GLU A 70 -15.51 1.72 0.14
C GLU A 70 -14.83 3.07 -0.05
N GLY A 71 -14.67 3.49 -1.30
CA GLY A 71 -14.30 4.87 -1.61
C GLY A 71 -12.85 5.27 -1.48
N PRO A 72 -12.60 6.54 -1.11
CA PRO A 72 -11.27 7.14 -1.17
C PRO A 72 -10.40 6.94 0.08
N VAL A 73 -9.09 7.13 -0.13
CA VAL A 73 -8.14 7.26 0.95
C VAL A 73 -8.33 8.63 1.61
N ARG A 74 -8.33 8.65 2.95
CA ARG A 74 -8.65 9.87 3.68
C ARG A 74 -7.41 10.61 4.20
N GLN A 75 -6.42 9.86 4.67
CA GLN A 75 -5.27 10.49 5.33
C GLN A 75 -4.11 9.54 5.57
N PHE A 76 -2.90 10.08 5.65
CA PHE A 76 -1.71 9.34 6.05
C PHE A 76 -1.17 9.78 7.41
N LEU A 77 -0.62 8.82 8.16
CA LEU A 77 0.25 9.14 9.29
C LEU A 77 1.49 8.24 9.16
N PHE A 78 2.58 8.61 9.81
CA PHE A 78 3.84 7.88 9.61
C PHE A 78 4.48 7.42 10.91
N HIS A 79 5.04 6.22 10.84
CA HIS A 79 5.64 5.55 11.98
C HIS A 79 6.97 4.99 11.51
N ASP A 80 7.88 4.73 12.45
CA ASP A 80 9.16 4.11 12.11
CA ASP A 80 9.15 4.12 12.10
C ASP A 80 8.94 2.81 11.34
N LYS A 81 7.92 2.05 11.73
CA LYS A 81 7.64 0.74 11.13
C LYS A 81 6.95 0.82 9.77
N GLY A 82 6.33 1.95 9.45
CA GLY A 82 5.65 2.08 8.18
C GLY A 82 4.61 3.19 8.09
N VAL A 83 3.74 3.08 7.09
CA VAL A 83 2.78 4.13 6.80
C VAL A 83 1.38 3.71 7.25
N ILE A 84 0.74 4.58 8.02
CA ILE A 84 -0.63 4.34 8.46
C ILE A 84 -1.57 5.06 7.51
N VAL A 85 -2.57 4.34 7.01
CA VAL A 85 -3.47 4.92 6.02
C VAL A 85 -4.91 4.81 6.46
N LEU A 86 -5.61 5.93 6.43
CA LEU A 86 -7.00 5.97 6.85
C LEU A 86 -7.94 5.80 5.67
N GLY A 87 -8.82 4.81 5.76
CA GLY A 87 -9.88 4.64 4.79
C GLY A 87 -11.20 5.08 5.39
N THR A 88 -12.29 4.79 4.69
CA THR A 88 -13.62 5.25 5.11
C THR A 88 -14.20 4.39 6.23
N ARG A 89 -13.93 3.08 6.20
CA ARG A 89 -14.49 2.16 7.18
C ARG A 89 -13.41 1.29 7.81
N SER A 90 -12.15 1.68 7.63
CA SER A 90 -11.06 0.88 8.13
C SER A 90 -9.77 1.69 8.23
N VAL A 91 -8.80 1.12 8.93
CA VAL A 91 -7.49 1.72 9.09
C VAL A 91 -6.46 0.68 8.69
N HIS A 92 -5.49 1.10 7.89
CA HIS A 92 -4.50 0.19 7.33
C HIS A 92 -3.10 0.62 7.75
N MET A 93 -2.21 -0.34 7.93
CA MET A 93 -0.80 -0.01 8.11
C MET A 93 0.06 -0.91 7.23
N ALA A 94 0.99 -0.28 6.51
CA ALA A 94 1.83 -1.02 5.57
C ALA A 94 3.29 -0.65 5.73
N MET A 95 4.18 -1.56 5.33
CA MET A 95 5.57 -1.22 5.18
C MET A 95 5.69 -0.16 4.11
N ARG A 96 6.69 0.71 4.22
CA ARG A 96 7.01 1.63 3.15
C ARG A 96 7.29 0.86 1.87
N ARG A 97 7.85 -0.34 2.01
CA ARG A 97 8.15 -1.15 0.85
C ARG A 97 6.92 -1.92 0.35
N GLY A 98 5.79 -1.72 1.01
CA GLY A 98 4.50 -2.17 0.48
C GLY A 98 3.64 -3.13 1.28
N PRO A 99 4.22 -4.25 1.76
CA PRO A 99 3.37 -5.29 2.39
C PRO A 99 2.58 -4.81 3.60
N ALA A 100 1.39 -5.38 3.77
CA ALA A 100 0.52 -4.99 4.86
C ALA A 100 1.06 -5.44 6.21
N LEU A 101 0.91 -4.58 7.22
CA LEU A 101 1.23 -4.94 8.59
C LEU A 101 -0.05 -5.29 9.33
N TRP A 102 -1.08 -4.45 9.18
CA TRP A 102 -2.40 -4.78 9.68
C TRP A 102 -3.50 -3.99 8.99
N ASN A 103 -4.72 -4.48 9.19
CA ASN A 103 -5.91 -3.83 8.65
C ASN A 103 -7.05 -3.98 9.64
N ILE A 104 -7.52 -2.86 10.17
CA ILE A 104 -8.50 -2.86 11.24
C ILE A 104 -9.88 -2.39 10.77
N ARG A 105 -10.88 -3.23 10.97
CA ARG A 105 -12.26 -2.86 10.71
C ARG A 105 -13.07 -2.97 11.99
N HIS A 106 -14.18 -2.26 12.06
CA HIS A 106 -15.05 -2.31 13.22
C HIS A 106 -16.43 -1.76 12.88
N GLU A 107 -17.44 -2.23 13.61
CA GLU A 107 -18.81 -1.78 13.42
C GLU A 107 -18.93 -0.26 13.58
N ASN A 108 -18.11 0.30 14.48
CA ASN A 108 -18.16 1.73 14.77
C ASN A 108 -17.30 2.57 13.83
N MET A 109 -16.62 1.92 12.90
CA MET A 109 -15.94 2.62 11.82
C MET A 109 -16.89 2.75 10.64
N LYS A 110 -17.57 3.89 10.54
CA LYS A 110 -18.63 4.07 9.56
C LYS A 110 -18.31 5.12 8.50
N ASP A 111 -17.72 6.23 8.92
CA ASP A 111 -17.41 7.32 8.01
C ASP A 111 -16.20 8.10 8.53
N LEU A 112 -15.05 7.46 8.51
CA LEU A 112 -13.83 8.06 9.04
C LEU A 112 -13.31 9.14 8.10
N ARG A 113 -12.79 10.23 8.68
CA ARG A 113 -12.28 11.36 7.90
C ARG A 113 -10.88 11.77 8.30
N CYS A 114 -10.54 11.56 9.57
CA CYS A 114 -9.28 12.10 10.09
C CYS A 114 -8.73 11.30 11.24
N MET A 115 -7.43 11.48 11.49
CA MET A 115 -6.77 10.77 12.58
C MET A 115 -5.54 11.54 13.04
N SER A 116 -5.10 11.22 14.25
CA SER A 116 -3.97 11.91 14.86
C SER A 116 -3.27 10.99 15.85
N PHE A 117 -1.97 11.20 16.04
CA PHE A 117 -1.28 10.56 17.14
C PHE A 117 -1.79 11.19 18.42
N THR A 118 -1.65 10.48 19.53
CA THR A 118 -2.14 10.98 20.81
C THR A 118 -0.99 11.39 21.74
N SER A 119 -0.98 10.84 22.95
CA SER A 119 -0.02 11.27 23.97
C SER A 119 1.19 10.33 24.09
N LYS A 120 1.20 9.27 23.29
CA LYS A 120 2.24 8.26 23.41
C LYS A 120 3.23 8.34 22.26
N GLY A 121 3.55 9.56 21.84
CA GLY A 121 4.39 9.76 20.67
C GLY A 121 3.69 9.18 19.45
N THR A 122 4.32 8.19 18.81
CA THR A 122 3.73 7.56 17.63
C THR A 122 3.13 6.18 17.94
N GLN A 123 3.09 5.81 19.23
CA GLN A 123 2.60 4.49 19.64
C GLN A 123 1.09 4.34 19.51
N GLU A 124 0.37 5.46 19.59
CA GLU A 124 -1.09 5.45 19.65
C GLU A 124 -1.71 6.46 18.71
N ILE A 125 -2.78 6.07 18.03
CA ILE A 125 -3.53 7.01 17.21
C ILE A 125 -4.99 7.02 17.61
N ILE A 126 -5.69 8.09 17.25
CA ILE A 126 -7.13 8.16 17.42
C ILE A 126 -7.72 8.48 16.05
N VAL A 127 -8.76 7.74 15.67
CA VAL A 127 -9.40 7.98 14.39
C VAL A 127 -10.82 8.45 14.61
N ALA A 128 -11.30 9.31 13.72
CA ALA A 128 -12.60 9.95 13.88
C ALA A 128 -13.17 10.35 12.52
N GLY A 129 -14.38 10.87 12.49
CA GLY A 129 -15.00 11.24 11.24
C GLY A 129 -16.39 11.81 11.40
N TRP A 130 -17.23 11.62 10.38
CA TRP A 130 -18.61 12.06 10.45
C TRP A 130 -19.44 10.96 11.09
N GLN A 131 -19.16 10.75 12.37
CA GLN A 131 -19.74 9.66 13.14
C GLN A 131 -19.59 10.00 14.61
N ASP A 132 -20.32 9.28 15.46
CA ASP A 132 -20.42 9.67 16.87
C ASP A 132 -19.34 9.06 17.76
N THR A 133 -18.48 8.23 17.19
CA THR A 133 -17.45 7.55 17.97
C THR A 133 -16.04 7.84 17.44
N MET A 134 -15.10 7.97 18.36
CA MET A 134 -13.69 8.02 18.01
C MET A 134 -13.00 6.74 18.51
N LEU A 135 -12.15 6.15 17.69
CA LEU A 135 -11.52 4.90 18.08
C LEU A 135 -10.01 5.07 18.28
N VAL A 136 -9.52 4.61 19.43
CA VAL A 136 -8.11 4.69 19.76
C VAL A 136 -7.40 3.37 19.45
N ILE A 137 -6.29 3.45 18.74
CA ILE A 137 -5.62 2.26 18.23
C ILE A 137 -4.16 2.16 18.66
N ASP A 138 -3.74 0.95 19.02
CA ASP A 138 -2.35 0.65 19.33
C ASP A 138 -1.64 0.33 18.01
N VAL A 139 -0.72 1.19 17.61
CA VAL A 139 -0.10 1.10 16.28
C VAL A 139 0.79 -0.14 16.16
N LEU A 140 1.49 -0.47 17.24
CA LEU A 140 2.38 -1.62 17.24
C LEU A 140 1.61 -2.95 17.11
N LYS A 141 0.51 -3.05 17.83
CA LYS A 141 -0.25 -4.30 17.88
C LYS A 141 -1.34 -4.37 16.81
N GLY A 142 -1.72 -3.22 16.28
CA GLY A 142 -2.82 -3.17 15.32
C GLY A 142 -4.14 -3.53 15.96
N ASP A 143 -4.39 -2.97 17.14
CA ASP A 143 -5.58 -3.26 17.93
C ASP A 143 -6.29 -2.00 18.37
N ILE A 144 -7.62 -2.04 18.41
CA ILE A 144 -8.38 -0.98 19.05
C ILE A 144 -8.23 -1.09 20.57
N ILE A 145 -7.79 -0.01 21.20
CA ILE A 145 -7.61 0.02 22.65
C ILE A 145 -8.89 0.41 23.38
N LYS A 146 -9.55 1.44 22.88
CA LYS A 146 -10.77 1.95 23.50
C LYS A 146 -11.55 2.82 22.52
N GLN A 147 -12.80 3.08 22.85
CA GLN A 147 -13.66 3.91 22.02
C GLN A 147 -14.21 5.06 22.84
N ILE A 148 -14.26 6.23 22.21
CA ILE A 148 -14.61 7.47 22.89
C ILE A 148 -15.63 8.25 22.06
N PRO A 149 -16.69 8.75 22.71
CA PRO A 149 -17.68 9.56 21.99
C PRO A 149 -17.05 10.79 21.34
N ALA A 150 -17.47 11.09 20.12
CA ALA A 150 -17.10 12.36 19.49
C ALA A 150 -18.16 13.40 19.80
N GLN A 151 -17.77 14.53 20.39
CA GLN A 151 -18.72 15.59 20.71
C GLN A 151 -19.26 16.24 19.43
N HIS A 152 -18.41 16.36 18.42
CA HIS A 152 -18.85 16.82 17.10
C HIS A 152 -18.24 15.93 16.03
N HIS A 153 -18.87 15.93 14.85
CA HIS A 153 -18.26 15.30 13.68
C HIS A 153 -17.03 16.10 13.24
N TYR A 154 -15.97 15.39 12.88
CA TYR A 154 -14.69 15.99 12.57
C TYR A 154 -14.28 15.67 11.13
N SER A 155 -13.64 16.64 10.49
CA SER A 155 -13.22 16.49 9.09
C SER A 155 -11.70 16.50 8.96
N ILE A 156 -11.04 17.24 9.83
CA ILE A 156 -9.59 17.40 9.76
C ILE A 156 -8.96 17.31 11.16
N MET A 157 -7.83 16.62 11.27
CA MET A 157 -7.09 16.61 12.53
C MET A 157 -5.62 16.94 12.33
N LYS A 158 -5.11 17.82 13.17
CA LYS A 158 -3.68 18.14 13.21
C LYS A 158 -3.27 18.15 14.66
N LYS A 159 -2.02 17.82 14.96
CA LYS A 159 -1.62 17.78 16.36
C LYS A 159 -0.42 18.67 16.67
N SER A 160 -0.59 19.52 17.68
CA SER A 160 0.54 20.25 18.21
C SER A 160 0.59 20.00 19.71
N ARG A 161 0.25 21.04 20.48
CA ARG A 161 0.09 20.90 21.92
C ARG A 161 -1.16 20.09 22.20
N TYR A 162 -2.20 20.35 21.40
CA TYR A 162 -3.47 19.65 21.48
C TYR A 162 -3.76 18.98 20.15
N ILE A 163 -4.67 18.00 20.16
CA ILE A 163 -5.22 17.48 18.92
C ILE A 163 -6.22 18.50 18.41
N CYS A 164 -5.90 19.15 17.29
CA CYS A 164 -6.80 20.16 16.76
C CYS A 164 -7.74 19.52 15.75
N ALA A 165 -9.03 19.58 16.02
CA ALA A 165 -10.01 18.87 15.23
C ALA A 165 -10.99 19.85 14.60
N ALA A 166 -10.94 19.97 13.28
CA ALA A 166 -11.85 20.83 12.54
C ALA A 166 -13.22 20.18 12.46
N THR A 167 -14.26 20.94 12.79
CA THR A 167 -15.63 20.42 12.69
C THR A 167 -16.23 20.72 11.33
N LYS A 168 -17.50 20.39 11.16
CA LYS A 168 -18.21 20.71 9.92
C LYS A 168 -18.85 22.10 9.96
N THR A 169 -18.67 22.83 11.06
CA THR A 169 -19.34 24.12 11.24
C THR A 169 -18.37 25.31 11.36
N GLY A 170 -17.15 25.14 10.85
CA GLY A 170 -16.18 26.23 10.83
C GLY A 170 -15.46 26.44 12.15
N SER A 171 -15.56 25.47 13.05
CA SER A 171 -14.91 25.57 14.34
C SER A 171 -13.79 24.54 14.46
N VAL A 172 -12.86 24.78 15.38
CA VAL A 172 -11.82 23.82 15.72
C VAL A 172 -11.92 23.46 17.20
N ASP A 173 -12.08 22.17 17.49
CA ASP A 173 -12.03 21.71 18.87
C ASP A 173 -10.59 21.40 19.27
N LEU A 174 -10.17 21.95 20.41
CA LEU A 174 -8.83 21.72 20.91
C LEU A 174 -8.88 20.60 21.94
N ILE A 175 -8.39 19.44 21.55
CA ILE A 175 -8.57 18.22 22.33
C ILE A 175 -7.29 17.84 23.07
N ASP A 176 -7.39 17.64 24.38
CA ASP A 176 -6.27 17.16 25.17
C ASP A 176 -5.88 15.75 24.73
N PRO A 177 -4.61 15.55 24.35
CA PRO A 177 -4.19 14.26 23.79
C PRO A 177 -4.17 13.13 24.81
N LEU A 178 -4.22 13.48 26.09
CA LEU A 178 -4.19 12.49 27.16
C LEU A 178 -5.60 12.10 27.61
N SER A 179 -6.42 13.10 27.92
CA SER A 179 -7.76 12.87 28.45
C SER A 179 -8.85 12.88 27.38
N PHE A 180 -8.53 13.47 26.23
CA PHE A 180 -9.46 13.60 25.09
C PHE A 180 -10.65 14.50 25.37
N LYS A 181 -10.59 15.28 26.45
CA LYS A 181 -11.62 16.29 26.68
C LYS A 181 -11.36 17.47 25.76
N ILE A 182 -12.44 18.18 25.40
CA ILE A 182 -12.30 19.42 24.63
C ILE A 182 -11.94 20.56 25.58
N VAL A 183 -10.73 21.09 25.44
CA VAL A 183 -10.27 22.18 26.28
C VAL A 183 -10.90 23.51 25.88
N ARG A 184 -11.01 23.73 24.57
CA ARG A 184 -11.45 25.00 24.03
C ARG A 184 -11.95 24.79 22.61
N SER A 185 -12.97 25.55 22.21
CA SER A 185 -13.41 25.54 20.81
C SER A 185 -13.21 26.92 20.20
N TRP A 186 -12.65 26.93 18.99
CA TRP A 186 -12.31 28.17 18.31
C TRP A 186 -13.09 28.33 17.00
N GLN A 187 -13.89 29.38 16.90
CA GLN A 187 -14.67 29.61 15.69
C GLN A 187 -13.82 30.34 14.64
N ALA A 188 -13.12 29.55 13.84
CA ALA A 188 -12.10 30.07 12.93
C ALA A 188 -12.70 30.76 11.70
N HIS A 189 -13.85 30.25 11.24
CA HIS A 189 -14.56 30.85 10.12
C HIS A 189 -16.05 30.70 10.38
N ALA A 190 -16.86 31.47 9.67
CA ALA A 190 -18.28 31.59 9.97
C ALA A 190 -19.03 30.25 9.86
N SER A 191 -18.86 29.55 8.75
CA SER A 191 -19.66 28.35 8.52
C SER A 191 -18.84 27.10 8.18
N TYR A 192 -17.65 27.26 7.61
CA TYR A 192 -16.85 26.07 7.31
C TYR A 192 -15.34 26.32 7.26
N ILE A 193 -14.61 25.23 7.48
CA ILE A 193 -13.16 25.22 7.37
C ILE A 193 -12.75 24.46 6.12
N ASN A 194 -11.93 25.08 5.28
CA ASN A 194 -11.47 24.41 4.05
C ASN A 194 -10.13 23.72 4.26
N ASP A 195 -9.32 24.27 5.15
CA ASP A 195 -8.00 23.71 5.42
C ASP A 195 -7.52 24.17 6.78
N MET A 196 -6.62 23.38 7.37
CA MET A 196 -6.09 23.69 8.68
C MET A 196 -4.73 23.05 8.85
N ASP A 197 -3.82 23.78 9.51
CA ASP A 197 -2.56 23.20 9.91
C ASP A 197 -2.31 23.61 11.35
N ALA A 198 -1.59 22.77 12.08
CA ALA A 198 -1.18 23.09 13.44
C ALA A 198 0.24 22.59 13.65
N GLN A 199 1.14 23.52 13.93
CA GLN A 199 2.56 23.24 14.11
C GLN A 199 3.13 24.28 15.06
N ASN A 200 4.00 23.84 15.96
CA ASN A 200 4.74 24.73 16.85
C ASN A 200 3.88 25.80 17.52
N ASP A 201 2.81 25.38 18.18
CA ASP A 201 1.95 26.27 18.97
C ASP A 201 1.14 27.28 18.15
N PHE A 202 1.03 27.08 16.85
CA PHE A 202 0.09 27.87 16.05
C PHE A 202 -0.93 26.97 15.36
N ILE A 203 -2.16 27.45 15.27
CA ILE A 203 -3.13 26.88 14.34
C ILE A 203 -3.37 27.92 13.26
N VAL A 204 -3.42 27.48 12.00
CA VAL A 204 -3.79 28.36 10.91
C VAL A 204 -4.93 27.71 10.14
N THR A 205 -5.87 28.51 9.64
CA THR A 205 -7.03 27.97 8.93
C THR A 205 -7.40 28.73 7.66
N CYS A 206 -7.98 28.00 6.72
CA CYS A 206 -8.67 28.59 5.58
C CYS A 206 -10.13 28.18 5.68
N GLY A 207 -11.03 29.03 5.22
CA GLY A 207 -12.45 28.71 5.29
C GLY A 207 -13.29 29.87 4.83
N GLY A 208 -14.58 29.83 5.13
CA GLY A 208 -15.49 30.85 4.65
C GLY A 208 -16.84 30.90 5.32
N SER A 209 -17.73 31.72 4.76
CA SER A 209 -19.06 31.96 5.33
C SER A 209 -20.17 31.50 4.38
N TYR A 218 -18.00 27.28 0.06
CA TYR A 218 -18.24 27.78 -1.29
C TYR A 218 -17.56 29.14 -1.50
N MET A 219 -17.65 30.02 -0.51
CA MET A 219 -17.03 31.35 -0.59
C MET A 219 -15.93 31.51 0.47
N LEU A 220 -14.69 31.60 0.01
CA LEU A 220 -13.54 31.64 0.92
C LEU A 220 -13.24 33.04 1.43
N ASP A 221 -12.73 33.13 2.65
CA ASP A 221 -12.39 34.39 3.28
C ASP A 221 -11.07 34.96 2.74
N PRO A 222 -10.95 36.29 2.72
CA PRO A 222 -9.73 36.97 2.25
C PRO A 222 -8.64 37.01 3.33
N TYR A 223 -8.50 35.92 4.07
CA TYR A 223 -7.47 35.83 5.10
C TYR A 223 -7.28 34.41 5.57
N VAL A 224 -6.15 34.21 6.25
CA VAL A 224 -5.88 32.99 7.00
C VAL A 224 -6.06 33.31 8.47
N ASN A 225 -6.96 32.61 9.15
CA ASN A 225 -7.14 32.89 10.56
C ASN A 225 -6.07 32.18 11.37
N VAL A 226 -5.74 32.73 12.53
CA VAL A 226 -4.57 32.28 13.29
C VAL A 226 -4.90 32.11 14.77
N PHE A 227 -4.50 30.98 15.34
CA PHE A 227 -4.69 30.74 16.78
C PHE A 227 -3.36 30.45 17.49
N ASP A 228 -3.14 31.14 18.60
CA ASP A 228 -1.96 30.97 19.43
C ASP A 228 -2.21 29.90 20.50
N LEU A 229 -1.55 28.76 20.34
CA LEU A 229 -1.77 27.60 21.22
C LEU A 229 -1.05 27.73 22.55
N LYS A 230 0.03 28.50 22.57
CA LYS A 230 0.80 28.68 23.79
C LYS A 230 0.05 29.55 24.79
N ASN A 231 -0.55 30.62 24.28
CA ASN A 231 -1.27 31.57 25.12
C ASN A 231 -2.78 31.37 25.04
N MET A 232 -3.20 30.42 24.21
CA MET A 232 -4.62 30.04 24.09
C MET A 232 -5.51 31.24 23.77
N ALA A 233 -5.15 31.95 22.71
CA ALA A 233 -5.93 33.11 22.26
C ALA A 233 -5.85 33.21 20.75
N SER A 234 -6.90 33.74 20.13
CA SER A 234 -6.89 33.97 18.70
C SER A 234 -5.96 35.15 18.39
N MET A 235 -5.40 35.14 17.19
CA MET A 235 -4.55 36.25 16.75
C MET A 235 -5.17 36.96 15.57
N LYS A 236 -4.62 38.13 15.24
CA LYS A 236 -5.08 38.88 14.07
C LYS A 236 -4.88 38.04 12.82
N PRO A 237 -5.94 37.90 12.01
CA PRO A 237 -5.84 37.10 10.79
C PRO A 237 -4.80 37.66 9.82
N MET A 238 -4.20 36.78 9.02
CA MET A 238 -3.26 37.20 7.99
C MET A 238 -4.01 37.47 6.69
N PRO A 239 -4.00 38.74 6.25
CA PRO A 239 -4.74 39.11 5.04
C PRO A 239 -4.26 38.35 3.81
N PHE A 240 -5.21 37.94 2.97
CA PHE A 240 -4.90 37.25 1.74
C PHE A 240 -5.99 37.55 0.73
N PRO A 241 -5.89 38.72 0.06
CA PRO A 241 -6.88 39.20 -0.91
C PRO A 241 -7.30 38.17 -2.00
N PRO A 242 -6.38 37.33 -2.51
CA PRO A 242 -6.88 36.37 -3.51
C PRO A 242 -7.83 35.29 -2.97
N LEU A 243 -8.16 35.35 -1.68
CA LEU A 243 -9.01 34.38 -0.97
C LEU A 243 -8.21 33.09 -0.67
N ALA A 244 -8.08 32.79 0.62
CA ALA A 244 -7.19 31.72 1.08
C ALA A 244 -7.89 30.36 1.04
N ALA A 245 -7.29 29.41 0.32
CA ALA A 245 -7.87 28.08 0.13
C ALA A 245 -7.14 27.00 0.94
N HIS A 246 -5.81 27.02 0.88
CA HIS A 246 -4.99 26.06 1.61
C HIS A 246 -3.84 26.77 2.30
N VAL A 247 -3.36 26.18 3.39
CA VAL A 247 -2.26 26.78 4.14
C VAL A 247 -1.46 25.71 4.88
N ARG A 248 -0.15 25.88 4.89
CA ARG A 248 0.73 25.01 5.67
C ARG A 248 1.75 25.85 6.42
N LEU A 249 2.06 25.43 7.65
CA LEU A 249 3.12 26.03 8.43
C LEU A 249 4.47 25.45 8.02
N HIS A 250 5.48 26.30 8.01
CA HIS A 250 6.84 25.90 7.66
C HIS A 250 7.49 25.16 8.83
N PRO A 251 8.04 23.96 8.56
CA PRO A 251 8.60 23.10 9.62
C PRO A 251 9.96 23.54 10.18
N ARG A 252 10.63 24.48 9.52
CA ARG A 252 11.94 24.94 10.00
C ARG A 252 11.91 26.42 10.39
N MET A 253 11.05 27.18 9.73
CA MET A 253 10.79 28.58 10.07
C MET A 253 9.48 28.65 10.85
N LEU A 254 9.59 28.60 12.18
CA LEU A 254 8.46 28.25 13.03
C LEU A 254 7.38 29.34 13.22
N THR A 255 7.51 30.48 12.54
CA THR A 255 6.40 31.45 12.52
C THR A 255 5.96 31.77 11.09
N THR A 256 6.45 30.99 10.13
CA THR A 256 6.17 31.23 8.73
C THR A 256 5.12 30.26 8.19
N ALA A 257 4.21 30.76 7.36
CA ALA A 257 3.26 29.89 6.69
C ALA A 257 3.27 30.15 5.18
N ILE A 258 2.86 29.14 4.42
CA ILE A 258 2.64 29.34 3.00
C ILE A 258 1.16 29.16 2.70
N VAL A 259 0.58 30.16 2.03
CA VAL A 259 -0.84 30.17 1.71
C VAL A 259 -1.02 30.13 0.21
N THR A 260 -2.01 29.40 -0.26
CA THR A 260 -2.33 29.44 -1.69
C THR A 260 -3.81 29.73 -1.93
N SER A 261 -4.08 30.45 -3.01
CA SER A 261 -5.44 30.62 -3.49
C SER A 261 -5.91 29.35 -4.17
N GLN A 262 -7.17 29.34 -4.59
CA GLN A 262 -7.72 28.21 -5.32
C GLN A 262 -7.03 27.98 -6.67
N HIS A 263 -6.32 29.00 -7.14
CA HIS A 263 -5.77 28.92 -8.49
C HIS A 263 -4.23 28.90 -8.50
N GLY A 264 -3.64 28.76 -7.33
CA GLY A 264 -2.20 28.52 -7.25
C GLY A 264 -1.33 29.75 -7.02
N GLN A 265 -1.95 30.87 -6.66
CA GLN A 265 -1.16 32.02 -6.23
C GLN A 265 -0.71 31.78 -4.79
N MET A 266 0.60 31.73 -4.57
CA MET A 266 1.14 31.38 -3.26
C MET A 266 1.83 32.56 -2.59
N HIS A 267 1.54 32.76 -1.30
CA HIS A 267 2.21 33.78 -0.50
C HIS A 267 2.95 33.14 0.66
N VAL A 268 4.23 33.48 0.81
CA VAL A 268 4.97 33.12 2.01
C VAL A 268 4.85 34.26 3.01
N VAL A 269 4.24 33.97 4.16
CA VAL A 269 3.94 35.03 5.13
C VAL A 269 4.45 34.68 6.52
N ASP A 270 4.82 35.71 7.28
CA ASP A 270 5.24 35.54 8.67
C ASP A 270 4.12 35.97 9.61
N ILE A 271 3.64 35.04 10.42
CA ILE A 271 2.59 35.32 11.39
C ILE A 271 2.90 36.55 12.27
N MET A 272 4.16 36.70 12.64
CA MET A 272 4.58 37.79 13.51
C MET A 272 4.73 39.12 12.76
N ASN A 273 5.03 39.05 11.47
CA ASN A 273 5.13 40.25 10.63
C ASN A 273 4.39 40.04 9.31
N PRO A 274 3.05 40.03 9.37
CA PRO A 274 2.19 39.62 8.25
C PRO A 274 2.36 40.44 6.96
N ASN A 275 2.56 41.74 7.09
CA ASN A 275 2.64 42.62 5.91
C ASN A 275 3.82 42.28 5.00
N SER A 276 4.90 41.77 5.59
CA SER A 276 6.02 41.27 4.81
C SER A 276 5.69 39.93 4.18
N SER A 277 5.73 39.85 2.86
CA SER A 277 5.33 38.63 2.16
C SER A 277 6.07 38.41 0.85
N THR A 278 6.19 37.14 0.46
CA THR A 278 6.77 36.75 -0.81
C THR A 278 5.70 36.06 -1.67
N VAL A 279 5.59 36.45 -2.93
CA VAL A 279 4.55 35.92 -3.80
C VAL A 279 5.09 35.12 -4.97
N ARG A 280 4.57 33.90 -5.16
CA ARG A 280 4.90 33.08 -6.31
C ARG A 280 3.62 32.56 -6.97
N TYR A 281 3.71 32.23 -8.25
CA TYR A 281 2.56 31.76 -9.00
C TYR A 281 2.77 30.35 -9.55
N ALA A 282 1.94 29.41 -9.12
CA ALA A 282 1.99 28.05 -9.66
C ALA A 282 1.03 27.93 -10.84
N ASN A 283 1.56 27.57 -12.00
CA ASN A 283 0.76 27.49 -13.21
C ASN A 283 0.02 26.17 -13.32
N ILE A 284 -1.04 26.02 -12.53
CA ILE A 284 -1.86 24.83 -12.54
C ILE A 284 -3.02 25.01 -13.52
N SER A 285 -3.41 23.93 -14.20
CA SER A 285 -4.40 24.00 -15.27
C SER A 285 -5.83 23.98 -14.75
N SER A 286 -5.98 23.67 -13.46
CA SER A 286 -7.30 23.67 -12.84
C SER A 286 -7.11 24.03 -11.37
N TYR A 287 -8.18 23.96 -10.57
CA TYR A 287 -8.12 24.48 -9.21
C TYR A 287 -7.38 23.52 -8.27
N VAL A 288 -6.92 24.06 -7.14
CA VAL A 288 -6.13 23.28 -6.18
C VAL A 288 -6.98 22.25 -5.46
N LYS A 289 -6.49 21.02 -5.39
CA LYS A 289 -7.13 20.01 -4.57
C LYS A 289 -6.32 19.74 -3.31
N LEU A 290 -5.00 19.67 -3.48
CA LEU A 290 -4.10 19.30 -2.39
C LEU A 290 -2.88 20.21 -2.31
N PHE A 291 -2.34 20.35 -1.10
CA PHE A 291 -1.27 21.30 -0.83
C PHE A 291 -0.54 20.83 0.44
N GLU A 292 0.72 20.43 0.29
CA GLU A 292 1.49 19.89 1.41
C GLU A 292 2.92 20.36 1.35
N ILE A 293 3.53 20.53 2.52
CA ILE A 293 4.94 20.92 2.59
C ILE A 293 5.77 19.74 3.14
N ALA A 294 6.97 19.55 2.60
CA ALA A 294 7.87 18.52 3.07
C ALA A 294 8.41 18.86 4.46
N PRO A 295 8.64 17.84 5.30
CA PRO A 295 9.20 18.03 6.65
C PRO A 295 10.50 18.81 6.64
N SER A 296 11.25 18.69 5.55
CA SER A 296 12.51 19.42 5.39
C SER A 296 12.29 20.92 5.17
N GLY A 297 11.09 21.29 4.74
CA GLY A 297 10.79 22.65 4.37
C GLY A 297 11.42 23.03 3.04
N GLU A 298 12.04 22.06 2.37
CA GLU A 298 12.73 22.32 1.12
C GLU A 298 11.97 21.77 -0.10
N ALA A 299 10.70 21.44 0.11
CA ALA A 299 9.83 21.08 -1.00
C ALA A 299 8.39 21.27 -0.61
N LEU A 300 7.54 21.53 -1.61
CA LEU A 300 6.11 21.51 -1.39
C LEU A 300 5.44 20.91 -2.62
N VAL A 301 4.24 20.37 -2.44
CA VAL A 301 3.48 19.87 -3.57
CA VAL A 301 3.47 19.85 -3.56
C VAL A 301 2.13 20.57 -3.67
N ILE A 302 1.72 20.84 -4.90
CA ILE A 302 0.40 21.37 -5.12
C ILE A 302 -0.25 20.48 -6.18
N GLY A 303 -1.42 19.95 -5.85
CA GLY A 303 -2.14 19.06 -6.77
C GLY A 303 -3.43 19.70 -7.22
N ASP A 304 -3.74 19.61 -8.51
CA ASP A 304 -4.94 20.25 -9.03
C ASP A 304 -6.01 19.25 -9.45
N ALA A 305 -7.14 19.78 -9.91
CA ALA A 305 -8.28 18.95 -10.26
C ALA A 305 -8.11 18.25 -11.60
N ASP A 306 -7.04 18.56 -12.32
CA ASP A 306 -6.73 17.87 -13.58
C ASP A 306 -5.75 16.72 -13.35
N CYS A 307 -5.55 16.34 -12.09
CA CYS A 307 -4.66 15.24 -11.67
C CYS A 307 -3.17 15.55 -11.77
N ASN A 308 -2.83 16.83 -11.96
CA ASN A 308 -1.43 17.22 -11.98
C ASN A 308 -0.89 17.32 -10.57
N ILE A 309 0.34 16.85 -10.39
CA ILE A 309 1.02 16.97 -9.11
C ILE A 309 2.28 17.79 -9.36
N HIS A 310 2.31 19.02 -8.84
CA HIS A 310 3.41 19.93 -9.08
C HIS A 310 4.35 20.00 -7.89
N LEU A 311 5.62 19.66 -8.11
CA LEU A 311 6.60 19.68 -7.03
C LEU A 311 7.45 20.95 -7.11
N TRP A 312 7.43 21.73 -6.03
CA TRP A 312 8.17 22.98 -5.97
C TRP A 312 9.32 22.91 -4.98
N GLY A 313 10.39 23.65 -5.30
CA GLY A 313 11.57 23.73 -4.45
C GLY A 313 12.66 24.42 -5.23
N SER A 314 13.81 24.64 -4.60
CA SER A 314 14.97 25.14 -5.33
C SER A 314 15.56 24.01 -6.15
N PRO A 315 15.72 24.22 -7.46
CA PRO A 315 16.18 23.20 -8.41
C PRO A 315 17.47 22.50 -8.01
N THR A 316 18.27 23.11 -7.14
CA THR A 316 19.55 22.53 -6.75
C THR A 316 19.54 21.91 -5.35
N LYS A 317 18.73 22.42 -4.45
CA LYS A 317 18.78 22.01 -3.05
C LYS A 317 17.60 21.12 -2.62
N ILE A 318 16.62 20.93 -3.51
CA ILE A 318 15.38 20.24 -3.14
C ILE A 318 15.56 18.83 -2.56
N HIS A 319 14.93 18.60 -1.42
CA HIS A 319 14.92 17.29 -0.76
C HIS A 319 13.77 17.28 0.24
N PHE A 320 13.29 16.09 0.59
CA PHE A 320 12.04 15.99 1.35
C PHE A 320 12.26 15.81 2.85
N THR A 321 13.33 15.09 3.21
CA THR A 321 13.58 14.75 4.60
C THR A 321 14.91 15.31 5.09
N ASP A 322 15.08 15.34 6.41
CA ASP A 322 16.31 15.85 7.01
C ASP A 322 17.52 15.07 6.50
N MET A 323 17.44 13.75 6.58
CA MET A 323 18.44 12.89 5.96
C MET A 323 17.93 12.39 4.61
N ALA A 324 18.36 13.03 3.53
CA ALA A 324 17.94 12.68 2.18
C ALA A 324 18.60 11.38 1.71
N ILE A 325 18.18 10.26 2.30
CA ILE A 325 18.76 8.95 1.99
C ILE A 325 18.13 8.31 0.75
N PRO A 326 18.95 7.60 -0.05
CA PRO A 326 18.43 6.69 -1.07
C PRO A 326 17.66 5.53 -0.45
N ILE A 327 16.79 4.88 -1.23
CA ILE A 327 15.84 3.92 -0.69
C ILE A 327 16.01 2.51 -1.28
N GLU A 328 15.60 1.49 -0.52
CA GLU A 328 15.68 0.09 -0.95
C GLU A 328 15.05 -0.16 -2.31
N LEU A 329 15.90 -0.48 -3.29
CA LEU A 329 15.47 -0.69 -4.66
C LEU A 329 15.91 -2.06 -5.20
N PRO A 330 15.26 -2.55 -6.26
CA PRO A 330 15.78 -3.73 -6.96
C PRO A 330 17.10 -3.41 -7.66
N GLU A 331 17.86 -4.44 -8.03
CA GLU A 331 19.16 -4.23 -8.65
C GLU A 331 19.05 -3.53 -10.00
N PRO A 337 26.38 -5.49 -22.60
CA PRO A 337 27.59 -6.33 -22.67
C PRO A 337 27.94 -6.74 -24.10
N VAL A 338 29.23 -6.81 -24.40
CA VAL A 338 29.68 -7.25 -25.73
C VAL A 338 29.29 -8.70 -25.96
N LEU A 339 29.64 -9.57 -25.03
CA LEU A 339 29.27 -10.98 -25.10
C LEU A 339 28.18 -11.31 -24.08
N ASP A 340 26.97 -11.51 -24.58
CA ASP A 340 25.83 -11.90 -23.73
C ASP A 340 24.88 -12.80 -24.51
N TRP A 341 25.44 -13.88 -25.06
CA TRP A 341 24.71 -14.81 -25.90
C TRP A 341 23.54 -15.48 -25.17
N SER A 342 22.71 -16.18 -25.94
CA SER A 342 21.51 -16.87 -25.45
C SER A 342 20.42 -15.88 -25.06
N GLU A 344 18.69 -19.27 -23.03
CA GLU A 344 17.46 -19.53 -22.30
C GLU A 344 16.87 -20.90 -22.64
N THR A 345 16.66 -21.71 -21.61
CA THR A 345 16.08 -23.04 -21.79
C THR A 345 14.68 -23.08 -21.18
N PRO A 346 13.67 -23.45 -21.98
CA PRO A 346 12.32 -23.53 -21.45
C PRO A 346 12.16 -24.73 -20.52
N LEU A 347 11.30 -24.59 -19.51
CA LEU A 347 10.92 -25.71 -18.66
C LEU A 347 10.27 -26.79 -19.53
N SER A 348 10.64 -28.04 -19.29
CA SER A 348 10.18 -29.13 -20.15
C SER A 348 9.62 -30.30 -19.34
N ASN B 31 21.55 -32.77 -2.32
CA ASN B 31 20.89 -32.12 -1.19
C ASN B 31 19.37 -32.02 -1.40
N GLY B 32 18.96 -31.49 -2.56
CA GLY B 32 17.54 -31.40 -2.89
C GLY B 32 16.75 -30.32 -2.16
N ARG B 33 17.43 -29.24 -1.79
CA ARG B 33 16.77 -28.15 -1.07
C ARG B 33 15.71 -27.43 -1.92
N ILE B 34 15.96 -27.30 -3.22
CA ILE B 34 15.03 -26.61 -4.08
C ILE B 34 13.74 -27.41 -4.25
N ALA B 35 13.89 -28.71 -4.51
CA ALA B 35 12.74 -29.61 -4.58
C ALA B 35 11.89 -29.51 -3.31
N ARG B 36 12.53 -29.54 -2.14
CA ARG B 36 11.78 -29.42 -0.90
C ARG B 36 11.15 -28.04 -0.76
N SER B 37 11.84 -27.01 -1.23
CA SER B 37 11.30 -25.66 -1.18
C SER B 37 10.13 -25.49 -2.14
N LEU B 38 10.21 -26.13 -3.30
CA LEU B 38 9.11 -26.14 -4.26
C LEU B 38 7.88 -26.81 -3.66
N MET B 39 8.10 -27.92 -2.96
CA MET B 39 7.00 -28.65 -2.34
C MET B 39 6.39 -27.83 -1.21
N LYS B 40 7.22 -27.09 -0.50
CA LYS B 40 6.73 -26.19 0.54
C LYS B 40 5.87 -25.07 -0.06
N LEU B 41 6.27 -24.54 -1.23
CA LEU B 41 5.44 -23.53 -1.90
C LEU B 41 4.06 -24.09 -2.25
N LEU B 42 4.04 -25.30 -2.80
CA LEU B 42 2.80 -25.94 -3.19
C LEU B 42 1.92 -26.26 -1.97
N THR B 43 2.57 -26.59 -0.86
CA THR B 43 1.88 -26.90 0.39
C THR B 43 1.28 -25.63 1.01
N ILE B 44 2.03 -24.54 0.92
CA ILE B 44 1.65 -23.29 1.56
C ILE B 44 0.57 -22.55 0.76
N LEU B 45 0.73 -22.49 -0.55
CA LEU B 45 -0.09 -21.61 -1.37
C LEU B 45 -1.43 -22.19 -1.81
N GLU B 46 -2.44 -21.31 -1.85
CA GLU B 46 -3.73 -21.58 -2.46
C GLU B 46 -4.55 -22.67 -1.77
N ARG B 47 -4.38 -22.83 -0.47
CA ARG B 47 -5.20 -23.79 0.27
C ARG B 47 -6.65 -23.32 0.35
N GLY B 48 -7.57 -24.27 0.20
CA GLY B 48 -8.99 -23.99 0.26
C GLY B 48 -9.41 -23.33 1.56
N ASP B 49 -8.71 -23.67 2.64
CA ASP B 49 -8.97 -23.11 3.95
C ASP B 49 -8.67 -21.60 4.06
N TYR B 50 -7.99 -21.04 3.07
CA TYR B 50 -7.64 -19.63 3.08
C TYR B 50 -8.79 -18.74 2.62
N ASP B 51 -9.84 -19.35 2.07
CA ASP B 51 -10.99 -18.60 1.58
C ASP B 51 -11.62 -17.78 2.71
N GLY B 52 -11.79 -16.49 2.45
CA GLY B 52 -12.39 -15.59 3.43
C GLY B 52 -11.44 -15.19 4.54
N VAL B 53 -10.18 -15.57 4.43
CA VAL B 53 -9.17 -15.21 5.42
C VAL B 53 -8.45 -13.93 4.99
N PRO B 54 -8.51 -12.89 5.81
CA PRO B 54 -7.98 -11.56 5.45
C PRO B 54 -6.48 -11.55 5.11
N SER B 55 -5.67 -12.35 5.80
CA SER B 55 -4.22 -12.33 5.57
C SER B 55 -3.83 -12.70 4.12
N TRP B 56 -4.70 -13.43 3.43
CA TRP B 56 -4.39 -13.83 2.07
C TRP B 56 -5.05 -12.94 1.01
N SER B 57 -5.80 -11.93 1.46
CA SER B 57 -6.38 -10.96 0.54
C SER B 57 -5.34 -9.92 0.14
N GLU B 58 -5.72 -9.01 -0.76
CA GLU B 58 -4.79 -8.00 -1.26
C GLU B 58 -4.43 -6.97 -0.18
N THR B 59 -5.18 -6.95 0.92
CA THR B 59 -4.85 -6.12 2.08
C THR B 59 -4.25 -6.91 3.24
N GLY B 60 -3.96 -8.19 3.02
CA GLY B 60 -3.46 -9.05 4.09
C GLY B 60 -1.95 -9.22 4.07
N ASP B 61 -1.38 -9.62 5.21
CA ASP B 61 0.07 -9.62 5.36
C ASP B 61 0.79 -10.82 4.75
N ARG B 62 0.06 -11.65 3.99
CA ARG B 62 0.70 -12.76 3.28
C ARG B 62 0.52 -12.67 1.77
N TYR B 63 -0.05 -11.56 1.32
CA TYR B 63 -0.32 -11.38 -0.10
C TYR B 63 0.94 -11.50 -0.96
N GLN B 64 2.07 -11.01 -0.44
CA GLN B 64 3.34 -11.07 -1.16
C GLN B 64 3.78 -12.50 -1.49
N LEU B 65 3.29 -13.46 -0.72
CA LEU B 65 3.66 -14.86 -0.95
C LEU B 65 3.02 -15.38 -2.24
N LYS B 66 1.84 -14.86 -2.56
CA LYS B 66 1.21 -15.16 -3.84
C LYS B 66 1.95 -14.45 -4.96
N LEU B 67 2.32 -13.19 -4.73
CA LEU B 67 3.00 -12.41 -5.77
C LEU B 67 4.38 -12.96 -6.09
N PHE B 68 5.06 -13.57 -5.11
CA PHE B 68 6.35 -14.16 -5.40
C PHE B 68 6.17 -15.36 -6.33
N ARG B 69 5.13 -16.15 -6.09
CA ARG B 69 4.81 -17.27 -6.97
C ARG B 69 4.59 -16.76 -8.40
N ASP B 70 3.81 -15.68 -8.54
CA ASP B 70 3.57 -15.09 -9.86
C ASP B 70 4.88 -14.64 -10.52
N TYR B 71 5.75 -14.02 -9.71
CA TYR B 71 7.02 -13.48 -10.18
C TYR B 71 7.91 -14.57 -10.79
N VAL B 72 7.91 -15.73 -10.16
CA VAL B 72 8.78 -16.81 -10.60
C VAL B 72 8.14 -17.69 -11.68
N PHE B 73 6.87 -18.05 -11.49
CA PHE B 73 6.29 -19.13 -12.27
C PHE B 73 5.20 -18.68 -13.26
N HIS B 74 4.74 -17.43 -13.13
CA HIS B 74 3.71 -16.94 -14.03
C HIS B 74 4.19 -15.75 -14.86
N ARG B 75 5.48 -15.70 -15.14
CA ARG B 75 6.04 -14.65 -16.00
C ARG B 75 5.52 -14.76 -17.41
N VAL B 76 5.31 -13.61 -18.05
CA VAL B 76 5.02 -13.54 -19.47
C VAL B 76 5.86 -12.41 -20.09
N ASP B 77 6.10 -12.48 -21.39
CA ASP B 77 6.75 -11.37 -22.07
C ASP B 77 5.69 -10.33 -22.44
N ALA B 78 6.09 -9.29 -23.15
CA ALA B 78 5.11 -8.43 -23.79
C ALA B 78 4.43 -9.28 -24.85
N ASP B 79 3.13 -9.04 -25.06
CA ASP B 79 2.24 -9.85 -25.92
C ASP B 79 1.76 -11.12 -25.19
N GLY B 80 2.18 -11.28 -23.93
CA GLY B 80 1.58 -12.25 -23.04
C GLY B 80 1.99 -13.71 -23.15
N LYS B 81 3.08 -13.99 -23.88
CA LYS B 81 3.57 -15.35 -24.00
C LYS B 81 4.32 -15.77 -22.73
N PRO B 82 3.97 -16.93 -22.16
CA PRO B 82 4.60 -17.37 -20.91
C PRO B 82 6.11 -17.49 -21.05
N ASN B 83 6.84 -16.87 -20.12
CA ASN B 83 8.27 -17.06 -20.05
C ASN B 83 8.58 -18.24 -19.13
N LEU B 84 8.87 -19.39 -19.73
CA LEU B 84 9.08 -20.62 -18.97
C LEU B 84 10.56 -20.93 -18.75
N SER B 85 11.40 -19.89 -18.84
CA SER B 85 12.83 -20.04 -18.60
C SER B 85 13.11 -20.70 -17.25
N ILE B 86 13.74 -21.87 -17.31
CA ILE B 86 13.99 -22.64 -16.10
C ILE B 86 15.11 -22.01 -15.27
N GLY B 87 16.04 -21.32 -15.94
CA GLY B 87 17.13 -20.64 -15.26
C GLY B 87 16.63 -19.60 -14.28
N HIS B 88 15.66 -18.81 -14.71
CA HIS B 88 15.02 -17.82 -13.84
C HIS B 88 14.39 -18.51 -12.63
N MET B 89 13.70 -19.62 -12.85
CA MET B 89 12.97 -20.30 -11.79
C MET B 89 13.91 -20.86 -10.72
N LEU B 90 14.94 -21.58 -11.15
CA LEU B 90 15.86 -22.19 -10.20
C LEU B 90 16.70 -21.13 -9.48
N THR B 91 17.05 -20.06 -10.19
CA THR B 91 17.81 -18.96 -9.59
C THR B 91 17.02 -18.26 -8.49
N CYS B 92 15.76 -17.93 -8.78
CA CYS B 92 14.88 -17.33 -7.77
C CYS B 92 14.66 -18.26 -6.58
N MET B 93 14.47 -19.55 -6.83
CA MET B 93 14.26 -20.48 -5.72
C MET B 93 15.54 -20.64 -4.89
N SER B 94 16.69 -20.58 -5.55
CA SER B 94 17.97 -20.69 -4.87
C SER B 94 18.23 -19.46 -3.98
N LYS B 95 17.98 -18.28 -4.53
CA LYS B 95 18.14 -17.06 -3.77
C LYS B 95 17.15 -17.02 -2.61
N LEU B 96 15.97 -17.59 -2.80
CA LEU B 96 14.98 -17.67 -1.72
C LEU B 96 15.48 -18.57 -0.59
N GLU B 97 15.99 -19.74 -0.96
CA GLU B 97 16.50 -20.69 0.03
C GLU B 97 17.64 -20.11 0.85
N ALA B 98 18.48 -19.31 0.21
CA ALA B 98 19.63 -18.72 0.86
C ALA B 98 19.26 -17.45 1.62
N GLY B 99 18.07 -16.93 1.35
CA GLY B 99 17.60 -15.71 1.99
C GLY B 99 18.54 -14.53 1.76
N VAL B 100 18.96 -14.34 0.52
CA VAL B 100 19.92 -13.27 0.19
C VAL B 100 19.28 -11.89 0.31
N ASP B 101 20.12 -10.86 0.44
CA ASP B 101 19.63 -9.50 0.69
C ASP B 101 19.14 -8.76 -0.55
N GLU B 102 19.29 -9.37 -1.71
CA GLU B 102 18.85 -8.76 -2.96
C GLU B 102 17.34 -8.48 -2.93
N ASN B 103 16.95 -7.29 -3.37
CA ASN B 103 15.55 -6.91 -3.45
C ASN B 103 14.98 -7.22 -4.82
N ILE B 104 13.71 -7.62 -4.85
CA ILE B 104 13.01 -7.79 -6.12
C ILE B 104 11.68 -7.04 -6.12
N LEU B 105 11.16 -6.76 -7.30
CA LEU B 105 9.92 -6.03 -7.46
C LEU B 105 8.75 -6.97 -7.66
N LEU B 106 7.88 -7.08 -6.65
CA LEU B 106 6.69 -7.92 -6.78
C LEU B 106 5.52 -7.06 -7.24
N THR B 107 4.77 -7.52 -8.23
CA THR B 107 3.62 -6.76 -8.69
C THR B 107 2.40 -7.66 -8.89
N SER B 108 1.23 -7.13 -8.58
CA SER B 108 -0.01 -7.83 -8.90
C SER B 108 -0.24 -7.75 -10.40
N ARG B 109 -1.14 -8.58 -10.91
CA ARG B 109 -1.41 -8.61 -12.33
C ARG B 109 -1.95 -7.27 -12.82
N ASP B 110 -2.68 -6.56 -11.95
CA ASP B 110 -3.30 -5.29 -12.34
C ASP B 110 -2.39 -4.09 -12.05
N ASN B 111 -1.16 -4.37 -11.63
CA ASN B 111 -0.14 -3.36 -11.37
CA ASN B 111 -0.15 -3.34 -11.40
C ASN B 111 -0.54 -2.31 -10.32
N GLU B 112 -1.58 -2.60 -9.56
CA GLU B 112 -2.01 -1.67 -8.52
C GLU B 112 -1.42 -2.05 -7.16
N THR B 113 -0.79 -3.22 -7.10
CA THR B 113 -0.01 -3.60 -5.92
C THR B 113 1.44 -3.81 -6.34
N VAL B 114 2.34 -3.08 -5.68
CA VAL B 114 3.76 -3.13 -6.03
C VAL B 114 4.60 -3.15 -4.76
N PHE B 115 5.34 -4.24 -4.55
CA PHE B 115 6.14 -4.40 -3.35
C PHE B 115 7.62 -4.43 -3.69
N VAL B 116 8.46 -3.96 -2.77
CA VAL B 116 9.90 -4.20 -2.84
C VAL B 116 10.31 -5.06 -1.65
N LEU B 117 10.72 -6.30 -1.91
CA LEU B 117 11.07 -7.23 -0.86
C LEU B 117 12.37 -7.95 -1.16
N SER B 118 13.10 -8.29 -0.11
CA SER B 118 14.31 -9.09 -0.26
C SER B 118 13.97 -10.56 -0.19
N TYR B 119 14.82 -11.40 -0.76
CA TYR B 119 14.68 -12.84 -0.58
C TYR B 119 14.76 -13.20 0.90
N ARG B 120 15.61 -12.47 1.64
CA ARG B 120 15.71 -12.62 3.10
C ARG B 120 14.35 -12.52 3.79
N GLU B 121 13.60 -11.46 3.49
CA GLU B 121 12.28 -11.27 4.07
C GLU B 121 11.28 -12.33 3.60
N LEU B 122 11.30 -12.61 2.30
CA LEU B 122 10.41 -13.61 1.72
C LEU B 122 10.60 -14.99 2.35
N ARG B 123 11.86 -15.35 2.60
CA ARG B 123 12.15 -16.64 3.23
C ARG B 123 11.55 -16.68 4.63
N GLN B 124 11.70 -15.59 5.37
CA GLN B 124 11.13 -15.49 6.71
C GLN B 124 9.61 -15.57 6.65
N MET B 125 9.03 -14.92 5.66
CA MET B 125 7.57 -14.86 5.52
C MET B 125 6.97 -16.21 5.11
N TYR B 126 7.62 -16.92 4.20
CA TYR B 126 7.18 -18.27 3.87
C TYR B 126 7.28 -19.20 5.08
N ASP B 127 8.36 -19.07 5.84
CA ASP B 127 8.56 -19.90 7.03
C ASP B 127 7.44 -19.67 8.05
N ARG B 128 7.06 -18.42 8.22
CA ARG B 128 5.97 -18.06 9.11
C ARG B 128 4.66 -18.69 8.65
N ALA B 129 4.38 -18.61 7.36
CA ALA B 129 3.17 -19.20 6.79
C ALA B 129 3.18 -20.72 6.95
N PHE B 130 4.34 -21.34 6.77
CA PHE B 130 4.45 -22.78 6.89
C PHE B 130 4.19 -23.20 8.33
N ASN B 131 4.72 -22.44 9.28
CA ASN B 131 4.58 -22.79 10.68
C ASN B 131 3.14 -22.69 11.15
N GLU B 132 2.34 -21.87 10.46
CA GLU B 132 0.92 -21.76 10.74
C GLU B 132 0.21 -23.08 10.44
N LEU B 133 0.77 -23.86 9.50
CA LEU B 133 0.20 -25.16 9.14
C LEU B 133 0.65 -26.27 10.08
N VAL B 134 1.81 -26.09 10.70
CA VAL B 134 2.37 -27.13 11.57
C VAL B 134 1.68 -27.11 12.94
N LYS B 135 1.51 -25.92 13.50
CA LYS B 135 0.84 -25.77 14.79
C LYS B 135 -0.66 -25.66 14.62
N LEU C 27 26.01 -23.69 -4.49
CA LEU C 27 25.69 -24.82 -5.35
C LEU C 27 24.42 -25.55 -4.91
N GLU C 28 23.45 -25.63 -5.81
CA GLU C 28 22.27 -26.46 -5.57
C GLU C 28 22.45 -27.78 -6.32
N VAL C 29 22.03 -28.87 -5.69
CA VAL C 29 22.05 -30.18 -6.34
C VAL C 29 20.65 -30.76 -6.29
N GLU C 30 20.07 -31.05 -7.45
CA GLU C 30 18.67 -31.42 -7.53
C GLU C 30 18.44 -32.57 -8.49
N ASN C 31 17.46 -33.42 -8.18
CA ASN C 31 17.00 -34.41 -9.13
C ASN C 31 16.19 -33.73 -10.21
N GLY C 32 16.63 -33.87 -11.45
CA GLY C 32 16.02 -33.20 -12.58
C GLY C 32 14.54 -33.39 -12.74
N ARG C 33 14.08 -34.63 -12.84
CA ARG C 33 12.67 -34.88 -13.15
C ARG C 33 11.75 -34.43 -12.00
N ILE C 34 12.19 -34.61 -10.76
CA ILE C 34 11.37 -34.18 -9.63
C ILE C 34 11.27 -32.65 -9.58
N ALA C 35 12.40 -31.96 -9.64
CA ALA C 35 12.38 -30.50 -9.63
C ALA C 35 11.56 -29.94 -10.79
N ARG C 36 11.75 -30.49 -11.99
CA ARG C 36 11.04 -29.97 -13.15
C ARG C 36 9.54 -30.24 -13.04
N SER C 37 9.16 -31.39 -12.51
CA SER C 37 7.74 -31.71 -12.41
C SER C 37 7.03 -30.79 -11.42
N LEU C 38 7.72 -30.42 -10.35
CA LEU C 38 7.17 -29.50 -9.36
C LEU C 38 6.99 -28.11 -9.97
N MET C 39 8.00 -27.66 -10.71
CA MET C 39 7.96 -26.35 -11.33
C MET C 39 6.87 -26.28 -12.39
N LYS C 40 6.67 -27.36 -13.15
CA LYS C 40 5.64 -27.36 -14.18
C LYS C 40 4.25 -27.22 -13.55
N LEU C 41 4.04 -27.92 -12.43
CA LEU C 41 2.79 -27.77 -11.70
C LEU C 41 2.54 -26.33 -11.29
N LEU C 42 3.59 -25.68 -10.80
CA LEU C 42 3.49 -24.31 -10.33
C LEU C 42 3.21 -23.30 -11.46
N THR C 43 3.71 -23.58 -12.67
CA THR C 43 3.47 -22.66 -13.79
C THR C 43 2.01 -22.72 -14.22
N ILE C 44 1.38 -23.86 -13.99
CA ILE C 44 0.01 -24.11 -14.44
C ILE C 44 -1.04 -23.61 -13.45
N LEU C 45 -0.86 -23.98 -12.18
CA LEU C 45 -1.91 -23.82 -11.19
C LEU C 45 -2.19 -22.37 -10.82
N GLU C 46 -3.48 -22.05 -10.67
CA GLU C 46 -3.95 -20.72 -10.27
C GLU C 46 -3.36 -19.60 -11.12
N ARG C 47 -3.07 -19.91 -12.38
CA ARG C 47 -2.59 -18.91 -13.32
C ARG C 47 -3.70 -17.94 -13.70
N GLY C 48 -4.95 -18.37 -13.52
CA GLY C 48 -6.10 -17.56 -13.92
C GLY C 48 -6.38 -17.62 -15.41
N ASP C 49 -6.68 -16.46 -15.99
CA ASP C 49 -6.95 -16.36 -17.42
C ASP C 49 -5.70 -16.66 -18.25
N TYR C 50 -5.88 -17.34 -19.36
CA TYR C 50 -4.75 -17.58 -20.27
C TYR C 50 -5.21 -17.81 -21.71
N ASP C 51 -4.48 -17.22 -22.66
CA ASP C 51 -4.69 -17.44 -24.08
C ASP C 51 -6.14 -17.20 -24.52
N GLY C 52 -6.77 -16.17 -23.97
CA GLY C 52 -8.14 -15.85 -24.30
C GLY C 52 -9.15 -16.76 -23.64
N VAL C 53 -8.67 -17.71 -22.84
CA VAL C 53 -9.53 -18.60 -22.09
C VAL C 53 -9.64 -18.13 -20.64
N PRO C 54 -10.80 -17.54 -20.29
CA PRO C 54 -11.01 -17.07 -18.92
C PRO C 54 -11.03 -18.21 -17.91
N SER C 55 -10.38 -18.00 -16.77
CA SER C 55 -10.25 -19.04 -15.74
C SER C 55 -9.70 -20.33 -16.34
N TRP C 56 -8.72 -20.18 -17.22
CA TRP C 56 -8.07 -21.31 -17.87
C TRP C 56 -7.48 -22.29 -16.86
N SER C 57 -6.89 -21.77 -15.78
CA SER C 57 -6.26 -22.63 -14.77
C SER C 57 -7.28 -23.37 -13.94
N GLU C 58 -8.54 -22.94 -14.00
CA GLU C 58 -9.59 -23.51 -13.16
C GLU C 58 -10.55 -24.41 -13.93
N THR C 59 -10.26 -24.67 -15.19
CA THR C 59 -11.17 -25.44 -16.03
C THR C 59 -10.47 -26.58 -16.77
N GLY C 60 -11.26 -27.54 -17.23
CA GLY C 60 -10.77 -28.65 -18.04
C GLY C 60 -9.68 -29.46 -17.38
N ASP C 61 -8.64 -29.75 -18.16
CA ASP C 61 -7.47 -30.49 -17.68
C ASP C 61 -6.87 -29.84 -16.43
N ARG C 62 -6.78 -28.52 -16.46
CA ARG C 62 -6.14 -27.77 -15.39
C ARG C 62 -6.89 -27.89 -14.06
N TYR C 63 -8.22 -28.03 -14.12
CA TYR C 63 -9.00 -28.20 -12.91
C TYR C 63 -8.64 -29.51 -12.21
N GLN C 64 -8.43 -30.58 -12.98
CA GLN C 64 -8.02 -31.85 -12.41
C GLN C 64 -6.66 -31.74 -11.74
N LEU C 65 -5.76 -30.98 -12.35
CA LEU C 65 -4.42 -30.77 -11.78
C LEU C 65 -4.51 -30.01 -10.47
N LYS C 66 -5.47 -29.08 -10.41
CA LYS C 66 -5.72 -28.31 -9.20
C LYS C 66 -6.10 -29.25 -8.05
N LEU C 67 -7.00 -30.19 -8.34
CA LEU C 67 -7.43 -31.15 -7.33
C LEU C 67 -6.33 -32.13 -6.98
N PHE C 68 -5.46 -32.41 -7.95
CA PHE C 68 -4.31 -33.26 -7.70
C PHE C 68 -3.35 -32.58 -6.73
N ARG C 69 -3.08 -31.30 -6.94
CA ARG C 69 -2.23 -30.57 -6.01
C ARG C 69 -2.83 -30.62 -4.61
N ASP C 70 -4.14 -30.43 -4.53
CA ASP C 70 -4.84 -30.47 -3.25
C ASP C 70 -4.62 -31.83 -2.58
N TYR C 71 -4.73 -32.88 -3.39
CA TYR C 71 -4.61 -34.25 -2.92
C TYR C 71 -3.23 -34.53 -2.35
N VAL C 72 -2.21 -34.00 -3.02
CA VAL C 72 -0.82 -34.30 -2.69
C VAL C 72 -0.28 -33.38 -1.59
N PHE C 73 -0.60 -32.09 -1.69
CA PHE C 73 0.06 -31.10 -0.86
C PHE C 73 -0.84 -30.41 0.16
N HIS C 74 -2.15 -30.56 0.04
CA HIS C 74 -3.07 -29.91 0.98
C HIS C 74 -3.84 -30.92 1.79
N ARG C 75 -3.27 -32.10 1.96
CA ARG C 75 -3.93 -33.17 2.70
C ARG C 75 -4.09 -32.80 4.17
N VAL C 76 -5.26 -33.12 4.72
CA VAL C 76 -5.52 -32.95 6.14
C VAL C 76 -6.11 -34.25 6.69
N ASP C 77 -5.81 -34.55 7.95
CA ASP C 77 -6.43 -35.70 8.60
C ASP C 77 -7.78 -35.27 9.18
N ALA C 78 -8.43 -36.17 9.91
CA ALA C 78 -9.60 -35.80 10.68
C ALA C 78 -9.19 -34.74 11.69
N ASP C 79 -10.09 -33.80 11.95
CA ASP C 79 -9.88 -32.57 12.74
C ASP C 79 -9.27 -31.45 11.90
N GLY C 80 -8.94 -31.75 10.65
CA GLY C 80 -8.46 -30.74 9.72
C GLY C 80 -7.04 -30.27 9.96
N LYS C 81 -6.21 -31.15 10.54
CA LYS C 81 -4.81 -30.84 10.75
C LYS C 81 -3.99 -31.32 9.55
N PRO C 82 -3.14 -30.43 8.99
CA PRO C 82 -2.36 -30.74 7.79
C PRO C 82 -1.47 -31.97 7.92
N ASN C 83 -1.58 -32.88 6.96
CA ASN C 83 -0.65 -33.99 6.81
C ASN C 83 0.46 -33.60 5.85
N LEU C 84 1.65 -33.33 6.39
CA LEU C 84 2.72 -32.71 5.61
C LEU C 84 3.78 -33.69 5.13
N SER C 85 3.41 -34.96 5.05
CA SER C 85 4.33 -36.04 4.68
C SER C 85 5.08 -35.84 3.35
N ILE C 86 6.40 -35.73 3.44
CA ILE C 86 7.24 -35.60 2.25
C ILE C 86 7.29 -36.92 1.48
N GLY C 87 7.22 -38.04 2.20
CA GLY C 87 7.16 -39.35 1.55
C GLY C 87 5.97 -39.47 0.61
N HIS C 88 4.81 -39.02 1.07
CA HIS C 88 3.59 -39.05 0.28
C HIS C 88 3.70 -38.13 -0.95
N MET C 89 4.29 -36.96 -0.75
CA MET C 89 4.44 -35.98 -1.82
C MET C 89 5.36 -36.51 -2.93
N LEU C 90 6.49 -37.09 -2.53
CA LEU C 90 7.48 -37.57 -3.49
C LEU C 90 6.98 -38.78 -4.29
N THR C 91 6.25 -39.67 -3.62
CA THR C 91 5.70 -40.84 -4.28
C THR C 91 4.65 -40.42 -5.31
N CYS C 92 3.78 -39.49 -4.94
CA CYS C 92 2.73 -39.04 -5.84
C CYS C 92 3.31 -38.33 -7.05
N MET C 93 4.29 -37.47 -6.84
CA MET C 93 4.95 -36.78 -7.95
C MET C 93 5.70 -37.76 -8.86
N SER C 94 6.25 -38.80 -8.26
CA SER C 94 6.96 -39.83 -9.01
C SER C 94 6.00 -40.64 -9.88
N LYS C 95 4.85 -41.02 -9.31
CA LYS C 95 3.84 -41.76 -10.06
C LYS C 95 3.26 -40.93 -11.20
N LEU C 96 3.11 -39.63 -10.96
CA LEU C 96 2.63 -38.70 -11.98
C LEU C 96 3.59 -38.67 -13.16
N GLU C 97 4.86 -38.47 -12.86
CA GLU C 97 5.87 -38.33 -13.90
C GLU C 97 6.02 -39.63 -14.70
N ALA C 98 5.87 -40.76 -14.02
CA ALA C 98 5.98 -42.07 -14.68
C ALA C 98 4.67 -42.49 -15.34
N GLY C 99 3.58 -41.79 -15.00
CA GLY C 99 2.28 -42.06 -15.59
C GLY C 99 1.80 -43.49 -15.39
N VAL C 100 1.85 -43.97 -14.16
CA VAL C 100 1.46 -45.35 -13.85
C VAL C 100 -0.06 -45.55 -13.91
N ASP C 101 -0.49 -46.79 -14.10
CA ASP C 101 -1.91 -47.08 -14.32
C ASP C 101 -2.72 -47.12 -13.03
N GLU C 102 -2.08 -46.81 -11.91
CA GLU C 102 -2.75 -46.80 -10.62
C GLU C 102 -3.72 -45.61 -10.51
N ASN C 103 -4.90 -45.86 -9.95
CA ASN C 103 -5.88 -44.80 -9.78
C ASN C 103 -5.71 -44.03 -8.48
N ILE C 104 -6.16 -42.77 -8.48
CA ILE C 104 -6.30 -42.02 -7.25
C ILE C 104 -7.69 -41.40 -7.19
N LEU C 105 -8.07 -40.98 -5.99
CA LEU C 105 -9.35 -40.32 -5.76
C LEU C 105 -9.15 -38.84 -5.49
N LEU C 106 -9.53 -38.01 -6.45
CA LEU C 106 -9.50 -36.56 -6.27
C LEU C 106 -10.88 -36.08 -5.80
N THR C 107 -10.88 -35.00 -5.03
CA THR C 107 -12.11 -34.50 -4.42
C THR C 107 -12.23 -33.01 -4.64
N SER C 108 -13.42 -32.56 -5.04
CA SER C 108 -13.66 -31.13 -5.21
C SER C 108 -13.52 -30.41 -3.88
N ARG C 109 -13.31 -29.10 -3.92
CA ARG C 109 -13.05 -28.35 -2.69
C ARG C 109 -14.27 -28.26 -1.78
N ASP C 110 -15.47 -28.31 -2.37
CA ASP C 110 -16.69 -28.28 -1.57
C ASP C 110 -17.05 -29.68 -1.08
N ASN C 111 -16.16 -30.64 -1.34
CA ASN C 111 -16.25 -32.00 -0.82
C ASN C 111 -17.37 -32.85 -1.44
N GLU C 112 -18.06 -32.30 -2.43
CA GLU C 112 -19.22 -32.98 -2.99
C GLU C 112 -18.89 -33.99 -4.09
N THR C 113 -17.92 -33.65 -4.93
CA THR C 113 -17.63 -34.45 -6.12
C THR C 113 -16.30 -35.20 -6.00
N VAL C 114 -16.31 -36.48 -6.36
CA VAL C 114 -15.12 -37.30 -6.33
C VAL C 114 -14.72 -37.70 -7.75
N PHE C 115 -13.44 -37.63 -8.06
CA PHE C 115 -12.98 -37.99 -9.40
C PHE C 115 -12.04 -39.19 -9.34
N VAL C 116 -12.31 -40.19 -10.15
CA VAL C 116 -11.44 -41.35 -10.24
C VAL C 116 -10.66 -41.32 -11.54
N LEU C 117 -9.33 -41.18 -11.44
CA LEU C 117 -8.50 -41.32 -12.62
C LEU C 117 -7.12 -41.86 -12.27
N SER C 118 -6.46 -42.41 -13.28
CA SER C 118 -5.13 -42.96 -13.14
C SER C 118 -4.07 -41.87 -13.28
N TYR C 119 -2.88 -42.13 -12.76
CA TYR C 119 -1.75 -41.25 -12.98
C TYR C 119 -1.47 -41.11 -14.47
N ARG C 120 -1.72 -42.19 -15.22
CA ARG C 120 -1.56 -42.18 -16.67
C ARG C 120 -2.42 -41.09 -17.30
N GLU C 121 -3.70 -41.08 -16.93
CA GLU C 121 -4.64 -40.11 -17.46
C GLU C 121 -4.32 -38.70 -16.97
N LEU C 122 -3.90 -38.61 -15.71
CA LEU C 122 -3.54 -37.33 -15.10
C LEU C 122 -2.29 -36.77 -15.79
N ARG C 123 -1.35 -37.66 -16.10
CA ARG C 123 -0.13 -37.28 -16.81
C ARG C 123 -0.44 -36.70 -18.18
N GLN C 124 -1.46 -37.25 -18.82
CA GLN C 124 -1.90 -36.74 -20.12
C GLN C 124 -2.47 -35.32 -19.99
N MET C 125 -3.29 -35.09 -18.97
CA MET C 125 -3.85 -33.75 -18.73
C MET C 125 -2.74 -32.76 -18.40
N TYR C 126 -1.84 -33.23 -17.52
CA TYR C 126 -0.65 -32.51 -17.11
C TYR C 126 0.19 -32.09 -18.32
N ASP C 127 0.46 -33.02 -19.22
CA ASP C 127 1.24 -32.71 -20.43
C ASP C 127 0.50 -31.74 -21.33
N ARG C 128 -0.81 -31.94 -21.52
CA ARG C 128 -1.60 -31.07 -22.37
C ARG C 128 -1.62 -29.65 -21.85
N ALA C 129 -1.88 -29.51 -20.55
CA ALA C 129 -1.97 -28.19 -19.93
C ALA C 129 -0.66 -27.42 -20.07
N PHE C 130 0.45 -28.10 -19.82
CA PHE C 130 1.75 -27.44 -19.90
C PHE C 130 2.12 -27.09 -21.33
N ASN C 131 1.80 -27.99 -22.26
CA ASN C 131 2.07 -27.73 -23.67
C ASN C 131 1.35 -26.48 -24.17
N GLU C 132 0.20 -26.19 -23.57
CA GLU C 132 -0.56 -25.00 -23.96
C GLU C 132 0.17 -23.73 -23.54
N LEU C 133 1.02 -23.84 -22.52
CA LEU C 133 1.83 -22.71 -22.08
C LEU C 133 3.05 -22.55 -22.99
N VAL C 134 3.49 -23.65 -23.57
CA VAL C 134 4.66 -23.66 -24.42
C VAL C 134 4.37 -23.05 -25.79
N LYS C 135 3.20 -23.36 -26.35
CA LYS C 135 2.79 -22.82 -27.65
C LYS C 135 2.79 -21.30 -27.66
#